data_3RTJ
#
_entry.id   3RTJ
#
_cell.length_a   72.740
_cell.length_b   78.490
_cell.length_c   114.340
_cell.angle_alpha   90.00
_cell.angle_beta   90.00
_cell.angle_gamma   90.00
#
_symmetry.space_group_name_H-M   'P 21 21 21'
#
loop_
_entity.id
_entity.type
_entity.pdbx_description
1 polymer "RNA (5'-R(*AP*G)-3')"
2 polymer 'Ricin A chain'
3 polymer 'Ricin B chain'
4 branched beta-D-galactopyranose-(1-4)-beta-D-glucopyranose
5 branched 2-acetamido-2-deoxy-beta-D-glucopyranose-(1-4)-2-acetamido-2-deoxy-beta-D-glucopyranose
#
loop_
_entity_poly.entity_id
_entity_poly.type
_entity_poly.pdbx_seq_one_letter_code
_entity_poly.pdbx_strand_id
1 'polyribonucleotide' AG D
2 'polypeptide(L)'
;IFPKQYPIINFTTAGATVQSYTNFIRAVRGRLTTGADVRHEIPVLPNRVGLPINQRFILVELSNHAELSVTLALDVTNAY
VVGYRAGNSAYFFHPDNQEDAEAITHLFTDVQNRYTFAFGGNYDRLEQLAGNLRENIELGNGPLEEAISALYYYSTGGTQ
LPTLARSFIICIQMISEAARFQYIEGEMRTRIRYNRRSAPDPSVITLENSWGRLSTAIQESNQGAFASPIQLQRRNGSKF
SVYDVSILIPIIALMVYRCAPPPSSQF
;
A
3 'polypeptide(L)'
;ADVCMDPEPIVRIVGRNGLCVDVRDGRFHNGNAIQLWPCKSNTDANQLWTLKRDNTIRSNGKCLTTYGYSPGVYVMIYDC
NTAATDATRWQIWDNGTIINPRSSLVLAATSGNSGTTLTVQTNIYAVSQGWLPTNNTQPFVTTIVGLYGLCLQANSGQVW
IEDCSSEKAEQQWALYADGSIRPQQNRDNCLTSDSNIRETVVKILSCGPASSGQRWMFKNDGTILNLYSGLVLDVRASDP
SLKQIILYPLHGDPNQIWLPLF
;
B
#
# COMPACT_ATOMS: atom_id res chain seq x y z
N GLN B 5 12.04 15.54 -27.08
CA GLN B 5 12.98 14.81 -26.15
C GLN B 5 12.26 14.22 -24.93
N TYR B 6 12.64 13.00 -24.55
CA TYR B 6 12.04 12.36 -23.38
C TYR B 6 12.92 12.55 -22.16
N PRO B 7 12.32 12.69 -20.98
CA PRO B 7 13.02 12.88 -19.71
C PRO B 7 14.04 11.77 -19.49
N ILE B 8 15.15 12.08 -18.84
CA ILE B 8 16.17 11.09 -18.59
C ILE B 8 16.69 11.04 -17.16
N ILE B 9 16.33 9.98 -16.45
CA ILE B 9 16.79 9.77 -15.09
C ILE B 9 17.99 8.84 -15.23
N ASN B 10 19.01 9.02 -14.41
CA ASN B 10 20.15 8.12 -14.45
C ASN B 10 20.55 7.60 -13.06
N PHE B 11 21.05 6.37 -13.05
CA PHE B 11 21.49 5.73 -11.82
C PHE B 11 22.70 4.91 -12.22
N THR B 12 23.67 4.84 -11.31
CA THR B 12 24.89 4.08 -11.57
C THR B 12 25.11 3.12 -10.40
N THR B 13 25.50 1.90 -10.71
CA THR B 13 25.74 0.91 -9.66
C THR B 13 27.15 1.05 -9.12
N ALA B 14 27.86 2.08 -9.58
CA ALA B 14 29.23 2.32 -9.15
C ALA B 14 29.28 2.56 -7.66
N GLY B 15 28.91 3.76 -7.23
CA GLY B 15 28.91 4.05 -5.80
C GLY B 15 27.51 3.91 -5.24
N ALA B 16 26.72 3.01 -5.82
CA ALA B 16 25.35 2.77 -5.40
C ALA B 16 25.27 2.67 -3.88
N THR B 17 24.28 3.36 -3.31
CA THR B 17 24.10 3.38 -1.88
C THR B 17 22.58 3.35 -1.58
N VAL B 18 22.16 3.17 -0.32
CA VAL B 18 20.72 3.12 -0.06
C VAL B 18 20.02 4.44 -0.37
N GLN B 19 20.75 5.55 -0.26
CA GLN B 19 20.20 6.87 -0.55
C GLN B 19 20.05 7.12 -2.04
N SER B 20 21.12 6.85 -2.79
CA SER B 20 21.11 7.06 -4.24
C SER B 20 20.06 6.18 -4.91
N TYR B 21 19.72 5.07 -4.27
CA TYR B 21 18.71 4.17 -4.81
C TYR B 21 17.32 4.71 -4.50
N THR B 22 17.14 5.24 -3.30
CA THR B 22 15.87 5.80 -2.88
C THR B 22 15.53 7.08 -3.68
N ASN B 23 16.56 7.81 -4.10
CA ASN B 23 16.36 9.04 -4.89
C ASN B 23 16.06 8.66 -6.33
N PHE B 24 16.71 7.62 -6.80
CA PHE B 24 16.51 7.15 -8.15
C PHE B 24 15.04 6.78 -8.35
N ILE B 25 14.54 5.88 -7.52
CA ILE B 25 13.15 5.43 -7.60
C ILE B 25 12.19 6.60 -7.35
N ARG B 26 12.59 7.52 -6.48
CA ARG B 26 11.78 8.70 -6.18
C ARG B 26 11.66 9.56 -7.44
N ALA B 27 12.73 9.56 -8.24
CA ALA B 27 12.81 10.31 -9.49
C ALA B 27 11.99 9.64 -10.60
N VAL B 28 12.05 8.31 -10.65
CA VAL B 28 11.33 7.51 -11.63
C VAL B 28 9.82 7.63 -11.41
N ARG B 29 9.39 7.59 -10.15
CA ARG B 29 7.98 7.74 -9.84
C ARG B 29 7.56 9.16 -10.14
N GLY B 30 8.46 10.09 -9.83
CA GLY B 30 8.17 11.49 -10.06
C GLY B 30 7.89 11.84 -11.51
N ARG B 31 8.48 11.06 -12.42
CA ARG B 31 8.33 11.28 -13.86
C ARG B 31 7.20 10.48 -14.52
N LEU B 32 6.72 9.44 -13.86
CA LEU B 32 5.65 8.63 -14.42
C LEU B 32 4.28 9.29 -14.23
N THR B 33 3.95 9.66 -13.00
CA THR B 33 2.67 10.31 -12.70
C THR B 33 2.79 11.81 -12.79
N THR B 34 1.65 12.46 -13.05
CA THR B 34 1.60 13.92 -13.14
C THR B 34 1.05 14.45 -11.82
N GLY B 35 0.67 13.56 -10.93
CA GLY B 35 0.13 13.95 -9.64
C GLY B 35 -1.26 14.58 -9.71
N ALA B 36 -1.88 14.52 -10.89
CA ALA B 36 -3.20 15.09 -11.09
C ALA B 36 -4.27 14.10 -10.67
N ASP B 37 -4.00 12.81 -10.88
CA ASP B 37 -4.94 11.76 -10.56
C ASP B 37 -4.43 10.90 -9.40
N VAL B 38 -5.11 10.98 -8.26
CA VAL B 38 -4.77 10.23 -7.05
C VAL B 38 -6.04 9.67 -6.41
N ARG B 39 -6.05 8.38 -6.11
CA ARG B 39 -7.22 7.77 -5.51
C ARG B 39 -6.86 6.98 -4.27
N HIS B 40 -7.55 7.28 -3.17
CA HIS B 40 -7.31 6.63 -1.90
C HIS B 40 -5.84 6.84 -1.47
N GLU B 41 -5.31 8.01 -1.84
CA GLU B 41 -3.95 8.44 -1.54
C GLU B 41 -2.86 7.79 -2.37
N ILE B 42 -3.26 7.07 -3.42
CA ILE B 42 -2.31 6.40 -4.30
C ILE B 42 -2.37 7.02 -5.70
N PRO B 43 -1.22 7.49 -6.21
CA PRO B 43 -1.20 8.10 -7.54
C PRO B 43 -1.53 7.14 -8.67
N VAL B 44 -2.33 7.60 -9.63
CA VAL B 44 -2.65 6.77 -10.78
C VAL B 44 -1.79 7.24 -11.97
N LEU B 45 -1.52 6.31 -12.89
CA LEU B 45 -0.70 6.60 -14.06
C LEU B 45 -1.59 7.14 -15.20
N PRO B 46 -1.00 7.91 -16.13
CA PRO B 46 -1.75 8.50 -17.25
C PRO B 46 -2.60 7.48 -18.00
N ASN B 47 -3.70 7.97 -18.59
CA ASN B 47 -4.60 7.13 -19.37
C ASN B 47 -3.93 7.02 -20.74
N ARG B 48 -3.87 5.82 -21.29
CA ARG B 48 -3.23 5.62 -22.57
C ARG B 48 -3.95 6.39 -23.67
N VAL B 49 -5.26 6.19 -23.77
CA VAL B 49 -6.05 6.86 -24.80
C VAL B 49 -5.97 8.38 -24.68
N GLY B 50 -5.41 9.02 -25.72
CA GLY B 50 -5.31 10.46 -25.71
C GLY B 50 -4.01 11.02 -25.14
N LEU B 51 -2.98 10.18 -25.06
CA LEU B 51 -1.71 10.63 -24.52
C LEU B 51 -0.69 10.85 -25.64
N PRO B 52 -0.33 12.12 -25.91
CA PRO B 52 0.62 12.56 -26.94
C PRO B 52 1.97 11.84 -26.82
N ILE B 53 2.39 11.16 -27.89
CA ILE B 53 3.66 10.42 -27.87
C ILE B 53 4.89 11.14 -27.30
N ASN B 54 4.76 12.42 -26.97
CA ASN B 54 5.89 13.18 -26.40
C ASN B 54 5.96 13.11 -24.87
N GLN B 55 4.96 12.50 -24.26
CA GLN B 55 4.88 12.34 -22.81
C GLN B 55 4.51 10.90 -22.54
N ARG B 56 4.79 10.04 -23.52
CA ARG B 56 4.47 8.63 -23.45
C ARG B 56 5.58 7.73 -22.90
N PHE B 57 6.81 8.24 -22.86
CA PHE B 57 7.92 7.44 -22.38
C PHE B 57 8.87 8.29 -21.56
N ILE B 58 9.66 7.62 -20.72
CA ILE B 58 10.69 8.28 -19.95
C ILE B 58 11.88 7.39 -20.19
N LEU B 59 13.08 7.92 -20.05
CA LEU B 59 14.26 7.11 -20.29
C LEU B 59 15.13 6.97 -19.05
N VAL B 60 15.38 5.73 -18.66
CA VAL B 60 16.25 5.47 -17.50
C VAL B 60 17.61 5.01 -18.02
N GLU B 61 18.68 5.70 -17.61
CA GLU B 61 20.02 5.34 -18.02
C GLU B 61 20.80 4.72 -16.87
N LEU B 62 21.29 3.52 -17.08
CA LEU B 62 22.04 2.80 -16.06
C LEU B 62 23.49 2.63 -16.50
N SER B 63 24.41 2.75 -15.55
CA SER B 63 25.83 2.60 -15.84
C SER B 63 26.51 1.95 -14.63
N ASN B 64 27.45 1.03 -14.89
CA ASN B 64 28.12 0.36 -13.79
C ASN B 64 29.58 0.71 -13.66
N HIS B 65 30.27 -0.05 -12.80
CA HIS B 65 31.68 0.10 -12.51
C HIS B 65 32.56 0.03 -13.76
N ALA B 66 32.22 -0.90 -14.65
CA ALA B 66 32.96 -1.10 -15.90
C ALA B 66 32.82 0.03 -16.93
N GLU B 67 32.13 1.11 -16.54
CA GLU B 67 31.94 2.25 -17.44
C GLU B 67 30.95 1.99 -18.57
N LEU B 68 30.38 0.79 -18.59
CA LEU B 68 29.42 0.40 -19.61
C LEU B 68 28.12 1.12 -19.29
N SER B 69 27.39 1.51 -20.34
CA SER B 69 26.12 2.21 -20.14
C SER B 69 25.02 1.63 -21.03
N VAL B 70 23.78 1.71 -20.55
CA VAL B 70 22.60 1.21 -21.25
C VAL B 70 21.41 2.12 -20.93
N THR B 71 20.50 2.33 -21.89
CA THR B 71 19.35 3.19 -21.62
C THR B 71 18.00 2.49 -21.81
N LEU B 72 17.26 2.31 -20.71
CA LEU B 72 15.96 1.67 -20.78
C LEU B 72 14.86 2.68 -21.06
N ALA B 73 13.86 2.26 -21.83
CA ALA B 73 12.73 3.11 -22.18
C ALA B 73 11.49 2.53 -21.52
N LEU B 74 10.92 3.26 -20.56
CA LEU B 74 9.72 2.79 -19.84
C LEU B 74 8.47 3.50 -20.34
N ASP B 75 7.38 2.74 -20.51
CA ASP B 75 6.12 3.30 -20.97
C ASP B 75 5.45 3.91 -19.74
N VAL B 76 5.11 5.19 -19.84
CA VAL B 76 4.50 5.92 -18.75
C VAL B 76 3.11 5.44 -18.31
N THR B 77 2.37 4.75 -19.19
CA THR B 77 1.03 4.27 -18.83
C THR B 77 0.98 3.02 -17.94
N ASN B 78 2.08 2.27 -17.87
CA ASN B 78 2.14 1.06 -17.04
C ASN B 78 3.49 0.77 -16.41
N ALA B 79 4.45 1.68 -16.58
CA ALA B 79 5.81 1.55 -16.04
C ALA B 79 6.48 0.31 -16.59
N TYR B 80 6.04 -0.07 -17.79
CA TYR B 80 6.53 -1.24 -18.52
C TYR B 80 7.84 -0.92 -19.25
N VAL B 81 8.85 -1.76 -19.09
CA VAL B 81 10.11 -1.56 -19.82
C VAL B 81 9.83 -2.09 -21.23
N VAL B 82 9.81 -1.20 -22.22
CA VAL B 82 9.50 -1.61 -23.59
C VAL B 82 10.67 -1.86 -24.51
N GLY B 83 11.85 -1.39 -24.11
CA GLY B 83 13.02 -1.60 -24.93
C GLY B 83 14.24 -0.96 -24.31
N TYR B 84 15.30 -0.87 -25.09
CA TYR B 84 16.52 -0.24 -24.60
C TYR B 84 17.51 0.04 -25.71
N ARG B 85 18.45 0.92 -25.41
CA ARG B 85 19.49 1.29 -26.36
C ARG B 85 20.84 0.93 -25.72
N ALA B 86 21.77 0.48 -26.55
CA ALA B 86 23.10 0.14 -26.08
C ALA B 86 24.01 0.54 -27.22
N GLY B 87 24.76 1.62 -27.02
CA GLY B 87 25.65 2.10 -28.06
C GLY B 87 24.91 2.72 -29.24
N ASN B 88 25.04 2.13 -30.41
CA ASN B 88 24.40 2.63 -31.63
C ASN B 88 23.16 1.80 -32.00
N SER B 89 22.82 0.83 -31.16
CA SER B 89 21.67 -0.03 -31.43
C SER B 89 20.56 0.09 -30.40
N ALA B 90 19.35 -0.33 -30.80
CA ALA B 90 18.19 -0.31 -29.93
C ALA B 90 17.42 -1.61 -30.12
N TYR B 91 16.94 -2.19 -29.03
CA TYR B 91 16.18 -3.44 -29.08
C TYR B 91 14.83 -3.24 -28.40
N PHE B 92 13.77 -3.72 -29.02
CA PHE B 92 12.41 -3.58 -28.48
C PHE B 92 11.71 -4.93 -28.28
N PHE B 93 10.99 -5.07 -27.17
CA PHE B 93 10.24 -6.31 -26.95
C PHE B 93 9.16 -6.28 -28.04
N HIS B 94 8.76 -7.46 -28.50
CA HIS B 94 7.74 -7.57 -29.54
C HIS B 94 6.44 -6.92 -29.05
N PRO B 95 5.97 -5.87 -29.74
CA PRO B 95 4.73 -5.18 -29.34
C PRO B 95 3.51 -6.10 -29.46
N ASP B 96 2.60 -6.03 -28.50
CA ASP B 96 1.43 -6.91 -28.53
C ASP B 96 0.17 -6.26 -29.11
N ASN B 97 0.33 -5.20 -29.90
CA ASN B 97 -0.78 -4.53 -30.55
C ASN B 97 -0.29 -3.41 -31.47
N GLN B 98 -1.07 -3.10 -32.50
CA GLN B 98 -0.71 -2.08 -33.48
C GLN B 98 -0.34 -0.71 -32.89
N GLU B 99 -1.17 -0.18 -31.99
CA GLU B 99 -0.92 1.12 -31.38
C GLU B 99 0.50 1.19 -30.77
N ASP B 100 0.85 0.21 -29.95
CA ASP B 100 2.16 0.15 -29.30
C ASP B 100 3.30 0.09 -30.30
N ALA B 101 3.14 -0.71 -31.35
CA ALA B 101 4.16 -0.85 -32.37
C ALA B 101 4.42 0.53 -33.00
N GLU B 102 3.34 1.28 -33.24
CA GLU B 102 3.46 2.61 -33.84
C GLU B 102 4.16 3.61 -32.91
N ALA B 103 4.02 3.41 -31.60
CA ALA B 103 4.61 4.29 -30.61
C ALA B 103 6.12 4.09 -30.40
N ILE B 104 6.57 2.84 -30.38
CA ILE B 104 8.00 2.59 -30.17
C ILE B 104 8.85 3.12 -31.33
N THR B 105 8.18 3.61 -32.38
CA THR B 105 8.86 4.16 -33.55
C THR B 105 9.59 5.44 -33.17
N HIS B 106 9.02 6.18 -32.22
CA HIS B 106 9.60 7.44 -31.79
C HIS B 106 10.70 7.32 -30.73
N LEU B 107 11.03 6.10 -30.34
CA LEU B 107 12.08 5.89 -29.37
C LEU B 107 13.41 5.66 -30.06
N PHE B 108 14.47 6.21 -29.47
CA PHE B 108 15.83 6.07 -30.01
C PHE B 108 15.82 6.24 -31.53
N THR B 109 15.46 7.43 -32.00
CA THR B 109 15.43 7.70 -33.42
C THR B 109 16.85 7.84 -33.96
N ASP B 110 17.79 8.21 -33.09
CA ASP B 110 19.19 8.37 -33.45
C ASP B 110 19.77 7.10 -34.05
N VAL B 111 19.89 6.08 -33.19
CA VAL B 111 20.44 4.77 -33.53
C VAL B 111 20.36 4.32 -34.98
N GLN B 112 21.44 3.69 -35.43
CA GLN B 112 21.52 3.17 -36.80
C GLN B 112 20.80 1.81 -36.95
N ASN B 113 20.82 1.01 -35.88
CA ASN B 113 20.21 -0.32 -35.91
C ASN B 113 19.07 -0.54 -34.90
N ARG B 114 17.85 -0.74 -35.40
CA ARG B 114 16.70 -0.99 -34.53
C ARG B 114 16.25 -2.42 -34.75
N TYR B 115 16.30 -3.23 -33.69
CA TYR B 115 15.88 -4.61 -33.77
C TYR B 115 14.67 -4.81 -32.88
N THR B 116 13.77 -5.69 -33.30
CA THR B 116 12.58 -5.97 -32.51
C THR B 116 12.57 -7.44 -32.15
N PHE B 117 12.73 -7.75 -30.87
CA PHE B 117 12.73 -9.13 -30.40
C PHE B 117 11.50 -9.89 -30.90
N ALA B 118 11.65 -11.22 -31.01
CA ALA B 118 10.57 -12.08 -31.47
C ALA B 118 9.59 -12.35 -30.35
N PHE B 119 10.02 -12.06 -29.13
CA PHE B 119 9.22 -12.30 -27.92
C PHE B 119 8.80 -11.02 -27.20
N GLY B 120 7.88 -11.17 -26.26
CA GLY B 120 7.40 -10.04 -25.50
C GLY B 120 8.17 -9.85 -24.21
N GLY B 121 7.83 -8.81 -23.46
CA GLY B 121 8.51 -8.53 -22.21
C GLY B 121 7.89 -9.21 -21.01
N ASN B 122 6.66 -9.70 -21.14
CA ASN B 122 6.00 -10.37 -20.04
C ASN B 122 6.92 -11.36 -19.31
N TYR B 123 6.67 -11.59 -18.02
CA TYR B 123 7.51 -12.47 -17.24
C TYR B 123 7.56 -13.93 -17.70
N ASP B 124 6.41 -14.51 -18.01
CA ASP B 124 6.37 -15.90 -18.46
C ASP B 124 7.38 -16.09 -19.58
N ARG B 125 7.15 -15.40 -20.68
CA ARG B 125 8.04 -15.52 -21.83
C ARG B 125 9.49 -15.30 -21.41
N LEU B 126 9.75 -14.31 -20.57
CA LEU B 126 11.12 -14.04 -20.12
C LEU B 126 11.70 -15.11 -19.19
N GLU B 127 10.86 -15.68 -18.34
CA GLU B 127 11.31 -16.73 -17.42
C GLU B 127 11.59 -18.02 -18.18
N GLN B 128 10.80 -18.26 -19.21
CA GLN B 128 10.96 -19.43 -20.05
C GLN B 128 12.30 -19.41 -20.79
N LEU B 129 12.56 -18.30 -21.46
CA LEU B 129 13.79 -18.10 -22.23
C LEU B 129 15.01 -18.09 -21.32
N ALA B 130 14.86 -17.53 -20.13
CA ALA B 130 15.96 -17.44 -19.18
C ALA B 130 16.35 -18.80 -18.62
N GLY B 131 15.38 -19.71 -18.57
CA GLY B 131 15.64 -21.03 -18.02
C GLY B 131 15.61 -20.96 -16.51
N ASN B 132 14.93 -19.96 -15.97
CA ASN B 132 14.82 -19.78 -14.53
C ASN B 132 13.55 -19.02 -14.16
N LEU B 133 13.08 -19.27 -12.95
CA LEU B 133 11.90 -18.62 -12.44
C LEU B 133 12.39 -17.39 -11.68
N ARG B 134 11.51 -16.40 -11.55
CA ARG B 134 11.84 -15.19 -10.84
C ARG B 134 12.42 -15.53 -9.47
N GLU B 135 11.99 -16.69 -8.94
CA GLU B 135 12.40 -17.17 -7.63
C GLU B 135 13.82 -17.66 -7.51
N ASN B 136 14.48 -17.89 -8.63
CA ASN B 136 15.86 -18.39 -8.59
C ASN B 136 16.87 -17.35 -9.05
N ILE B 137 16.37 -16.28 -9.66
CA ILE B 137 17.21 -15.20 -10.13
C ILE B 137 17.43 -14.27 -8.95
N GLU B 138 18.68 -14.13 -8.50
CA GLU B 138 18.98 -13.27 -7.35
C GLU B 138 18.96 -11.80 -7.73
N LEU B 139 18.67 -10.96 -6.76
CA LEU B 139 18.59 -9.53 -6.98
C LEU B 139 19.51 -8.79 -6.01
N GLY B 140 19.94 -7.60 -6.40
CA GLY B 140 20.82 -6.81 -5.57
C GLY B 140 21.61 -5.89 -6.45
N ASN B 141 22.65 -5.25 -5.91
CA ASN B 141 23.46 -4.36 -6.73
C ASN B 141 24.41 -5.18 -7.57
N GLY B 142 24.84 -6.31 -7.03
CA GLY B 142 25.74 -7.18 -7.77
C GLY B 142 25.04 -7.60 -9.06
N PRO B 143 23.84 -8.18 -8.96
CA PRO B 143 23.07 -8.62 -10.12
C PRO B 143 22.73 -7.51 -11.13
N LEU B 144 22.65 -6.27 -10.68
CA LEU B 144 22.34 -5.15 -11.58
C LEU B 144 23.57 -4.76 -12.39
N GLU B 145 24.76 -4.87 -11.80
CA GLU B 145 25.99 -4.53 -12.52
C GLU B 145 26.14 -5.56 -13.63
N GLU B 146 25.94 -6.82 -13.29
CA GLU B 146 26.06 -7.90 -14.24
C GLU B 146 25.03 -7.81 -15.36
N ALA B 147 23.83 -7.37 -15.01
CA ALA B 147 22.75 -7.24 -15.98
C ALA B 147 23.02 -6.13 -16.98
N ILE B 148 23.62 -5.03 -16.51
CA ILE B 148 23.92 -3.93 -17.40
C ILE B 148 24.96 -4.36 -18.43
N SER B 149 26.03 -5.00 -17.98
CA SER B 149 27.08 -5.48 -18.86
C SER B 149 26.51 -6.50 -19.84
N ALA B 150 25.69 -7.39 -19.31
CA ALA B 150 25.07 -8.43 -20.13
C ALA B 150 24.24 -7.79 -21.23
N LEU B 151 23.48 -6.77 -20.85
CA LEU B 151 22.59 -6.05 -21.78
C LEU B 151 23.40 -5.27 -22.80
N TYR B 152 24.50 -4.68 -22.33
CA TYR B 152 25.36 -3.88 -23.18
C TYR B 152 26.02 -4.70 -24.28
N TYR B 153 26.65 -5.80 -23.88
CA TYR B 153 27.35 -6.66 -24.83
C TYR B 153 26.46 -7.41 -25.81
N TYR B 154 25.15 -7.40 -25.59
CA TYR B 154 24.28 -8.09 -26.51
C TYR B 154 24.34 -7.42 -27.88
N SER B 155 24.66 -6.12 -27.90
CA SER B 155 24.75 -5.39 -29.16
C SER B 155 25.99 -5.79 -29.97
N THR B 156 27.05 -6.20 -29.27
CA THR B 156 28.28 -6.63 -29.93
C THR B 156 28.26 -8.14 -30.16
N GLY B 157 27.19 -8.79 -29.72
CA GLY B 157 27.07 -10.22 -29.91
C GLY B 157 27.68 -11.15 -28.87
N GLY B 158 28.11 -10.62 -27.72
CA GLY B 158 28.69 -11.49 -26.70
C GLY B 158 27.82 -11.74 -25.49
N THR B 159 26.54 -11.99 -25.70
CA THR B 159 25.60 -12.26 -24.61
C THR B 159 24.58 -13.26 -25.14
N GLN B 160 24.55 -14.46 -24.58
CA GLN B 160 23.61 -15.49 -25.04
C GLN B 160 22.16 -15.09 -24.67
N LEU B 161 21.20 -15.54 -25.46
CA LEU B 161 19.81 -15.20 -25.21
C LEU B 161 19.30 -15.57 -23.81
N PRO B 162 19.73 -16.72 -23.26
CA PRO B 162 19.25 -17.07 -21.91
C PRO B 162 19.64 -16.00 -20.88
N THR B 163 20.83 -15.42 -21.04
CA THR B 163 21.34 -14.39 -20.12
C THR B 163 20.74 -13.01 -20.34
N LEU B 164 20.34 -12.72 -21.58
CA LEU B 164 19.71 -11.43 -21.85
C LEU B 164 18.41 -11.45 -21.07
N ALA B 165 17.63 -12.52 -21.22
CA ALA B 165 16.35 -12.66 -20.54
C ALA B 165 16.48 -12.67 -19.02
N ARG B 166 17.59 -13.16 -18.50
CA ARG B 166 17.81 -13.18 -17.05
C ARG B 166 18.14 -11.76 -16.58
N SER B 167 18.66 -10.94 -17.50
CA SER B 167 19.02 -9.56 -17.19
C SER B 167 17.79 -8.63 -17.27
N PHE B 168 16.86 -8.98 -18.14
CA PHE B 168 15.64 -8.20 -18.26
C PHE B 168 14.78 -8.42 -17.03
N ILE B 169 14.77 -9.64 -16.51
CA ILE B 169 14.01 -9.96 -15.32
C ILE B 169 14.56 -9.21 -14.10
N ILE B 170 15.87 -8.98 -14.09
CA ILE B 170 16.51 -8.29 -12.98
C ILE B 170 16.21 -6.79 -13.03
N CYS B 171 16.38 -6.18 -14.20
CA CYS B 171 16.13 -4.76 -14.33
C CYS B 171 14.66 -4.41 -14.10
N ILE B 172 13.77 -5.20 -14.69
CA ILE B 172 12.34 -4.95 -14.55
C ILE B 172 11.93 -4.92 -13.09
N GLN B 173 12.41 -5.88 -12.31
CA GLN B 173 12.06 -5.95 -10.90
C GLN B 173 12.67 -4.85 -10.03
N MET B 174 13.91 -4.47 -10.31
CA MET B 174 14.58 -3.44 -9.52
C MET B 174 14.24 -2.00 -9.89
N ILE B 175 13.59 -1.80 -11.04
CA ILE B 175 13.25 -0.47 -11.48
C ILE B 175 11.75 -0.28 -11.58
N SER B 176 11.11 -1.07 -12.44
CA SER B 176 9.67 -0.97 -12.64
C SER B 176 8.82 -1.50 -11.50
N GLU B 177 9.23 -2.61 -10.89
CA GLU B 177 8.46 -3.16 -9.80
C GLU B 177 8.76 -2.40 -8.51
N ALA B 178 9.95 -1.80 -8.44
CA ALA B 178 10.36 -1.03 -7.28
C ALA B 178 9.67 0.33 -7.25
N ALA B 179 9.35 0.85 -8.42
CA ALA B 179 8.67 2.13 -8.52
C ALA B 179 7.19 1.94 -8.22
N ARG B 180 6.69 0.74 -8.46
CA ARG B 180 5.29 0.43 -8.22
C ARG B 180 4.93 0.12 -6.77
N PHE B 181 5.88 -0.44 -6.01
CA PHE B 181 5.59 -0.78 -4.63
C PHE B 181 6.68 -0.32 -3.67
N GLN B 182 6.28 0.35 -2.59
CA GLN B 182 7.24 0.80 -1.60
C GLN B 182 7.77 -0.44 -0.91
N TYR B 183 6.96 -1.48 -0.92
CA TYR B 183 7.35 -2.73 -0.30
C TYR B 183 8.53 -3.32 -1.06
N ILE B 184 8.42 -3.34 -2.39
CA ILE B 184 9.49 -3.90 -3.23
C ILE B 184 10.71 -2.98 -3.29
N GLU B 185 10.49 -1.67 -3.10
CA GLU B 185 11.60 -0.71 -3.09
C GLU B 185 12.41 -1.05 -1.84
N GLY B 186 11.73 -1.08 -0.69
CA GLY B 186 12.37 -1.42 0.56
C GLY B 186 13.10 -2.76 0.50
N GLU B 187 12.52 -3.71 -0.23
CA GLU B 187 13.15 -5.02 -0.39
C GLU B 187 14.49 -4.86 -1.08
N MET B 188 14.52 -4.10 -2.17
CA MET B 188 15.76 -3.88 -2.92
C MET B 188 16.74 -3.07 -2.09
N ARG B 189 16.20 -2.15 -1.31
CA ARG B 189 17.01 -1.28 -0.46
C ARG B 189 17.72 -2.06 0.64
N THR B 190 17.12 -3.15 1.08
CA THR B 190 17.72 -3.97 2.12
C THR B 190 18.87 -4.78 1.54
N ARG B 191 18.71 -5.21 0.29
CA ARG B 191 19.75 -5.99 -0.38
C ARG B 191 20.99 -5.15 -0.64
N ILE B 192 20.81 -3.84 -0.73
CA ILE B 192 21.94 -2.95 -0.97
C ILE B 192 22.61 -2.60 0.35
N ARG B 193 21.81 -2.36 1.37
CA ARG B 193 22.34 -2.00 2.69
C ARG B 193 23.35 -3.02 3.23
N TYR B 194 23.06 -4.30 3.05
CA TYR B 194 23.91 -5.37 3.55
C TYR B 194 24.67 -6.12 2.47
N ASN B 195 24.71 -5.57 1.27
CA ASN B 195 25.41 -6.20 0.15
C ASN B 195 25.00 -7.66 -0.07
N ARG B 196 23.68 -7.91 -0.14
CA ARG B 196 23.14 -9.25 -0.36
C ARG B 196 22.69 -9.48 -1.80
N ARG B 197 22.72 -10.75 -2.20
CA ARG B 197 22.28 -11.18 -3.52
C ARG B 197 21.31 -12.31 -3.20
N SER B 198 20.01 -12.08 -3.37
CA SER B 198 19.07 -13.14 -3.06
C SER B 198 17.76 -12.98 -3.82
N ALA B 199 17.21 -14.10 -4.29
CA ALA B 199 15.97 -14.09 -5.05
C ALA B 199 14.80 -13.51 -4.25
N PRO B 200 13.79 -12.96 -4.94
CA PRO B 200 12.60 -12.37 -4.32
C PRO B 200 11.72 -13.37 -3.58
N ASP B 201 11.23 -12.96 -2.41
CA ASP B 201 10.36 -13.75 -1.55
C ASP B 201 9.03 -14.00 -2.20
N PRO B 202 8.24 -14.92 -1.63
CA PRO B 202 6.91 -15.21 -2.19
C PRO B 202 6.05 -13.94 -2.13
N SER B 203 6.36 -13.07 -1.16
CA SER B 203 5.62 -11.82 -0.97
C SER B 203 5.82 -10.88 -2.15
N VAL B 204 7.06 -10.77 -2.59
CA VAL B 204 7.42 -9.91 -3.72
C VAL B 204 6.85 -10.45 -5.03
N ILE B 205 7.07 -11.75 -5.30
CA ILE B 205 6.55 -12.38 -6.50
C ILE B 205 5.02 -12.19 -6.62
N THR B 206 4.30 -12.36 -5.51
CA THR B 206 2.83 -12.21 -5.52
C THR B 206 2.37 -10.78 -5.74
N LEU B 207 3.06 -9.81 -5.13
CA LEU B 207 2.68 -8.41 -5.29
C LEU B 207 2.89 -7.99 -6.73
N GLU B 208 3.92 -8.56 -7.37
CA GLU B 208 4.22 -8.24 -8.76
C GLU B 208 3.10 -8.73 -9.64
N ASN B 209 2.60 -9.92 -9.34
CA ASN B 209 1.53 -10.54 -10.11
C ASN B 209 0.16 -9.91 -9.92
N SER B 210 -0.08 -9.36 -8.74
CA SER B 210 -1.38 -8.77 -8.43
C SER B 210 -1.52 -7.28 -8.72
N TRP B 211 -0.49 -6.68 -9.31
CA TRP B 211 -0.53 -5.25 -9.61
C TRP B 211 -1.76 -4.87 -10.43
N GLY B 212 -2.04 -5.63 -11.47
CA GLY B 212 -3.20 -5.33 -12.30
C GLY B 212 -4.48 -5.47 -11.50
N ARG B 213 -4.64 -6.58 -10.78
CA ARG B 213 -5.83 -6.82 -9.99
C ARG B 213 -6.06 -5.77 -8.92
N LEU B 214 -5.00 -5.40 -8.21
CA LEU B 214 -5.11 -4.39 -7.16
C LEU B 214 -5.50 -3.02 -7.75
N SER B 215 -4.89 -2.65 -8.88
CA SER B 215 -5.21 -1.39 -9.51
C SER B 215 -6.70 -1.30 -9.76
N THR B 216 -7.27 -2.39 -10.22
CA THR B 216 -8.69 -2.45 -10.48
C THR B 216 -9.55 -2.40 -9.21
N ALA B 217 -9.31 -3.34 -8.29
CA ALA B 217 -10.06 -3.40 -7.03
C ALA B 217 -10.19 -2.07 -6.32
N ILE B 218 -9.07 -1.39 -6.12
CA ILE B 218 -9.06 -0.11 -5.43
C ILE B 218 -9.83 0.98 -6.16
N GLN B 219 -9.55 1.15 -7.46
CA GLN B 219 -10.19 2.17 -8.26
C GLN B 219 -11.70 1.99 -8.41
N GLU B 220 -12.19 0.76 -8.34
CA GLU B 220 -13.62 0.55 -8.45
C GLU B 220 -14.17 -0.11 -7.21
N SER B 221 -13.73 0.40 -6.08
CA SER B 221 -14.16 -0.07 -4.79
C SER B 221 -15.23 0.90 -4.37
N ASN B 222 -16.03 0.51 -3.37
CA ASN B 222 -17.06 1.39 -2.86
C ASN B 222 -16.50 1.92 -1.56
N GLN B 223 -15.91 3.11 -1.61
CA GLN B 223 -15.35 3.72 -0.42
C GLN B 223 -14.30 2.83 0.24
N GLY B 224 -13.23 2.55 -0.51
CA GLY B 224 -12.17 1.74 0.02
C GLY B 224 -12.49 0.27 0.25
N ALA B 225 -13.75 -0.12 0.14
CA ALA B 225 -14.11 -1.53 0.33
C ALA B 225 -14.06 -2.27 -1.00
N PHE B 226 -13.38 -3.41 -1.03
CA PHE B 226 -13.30 -4.17 -2.27
C PHE B 226 -14.57 -5.02 -2.38
N ALA B 227 -14.92 -5.40 -3.60
CA ALA B 227 -16.11 -6.23 -3.83
C ALA B 227 -15.73 -7.70 -3.63
N SER B 228 -14.50 -8.03 -3.99
CA SER B 228 -13.97 -9.39 -3.85
C SER B 228 -12.58 -9.27 -3.25
N PRO B 229 -12.22 -10.21 -2.38
CA PRO B 229 -10.88 -10.13 -1.78
C PRO B 229 -9.75 -10.39 -2.77
N ILE B 230 -8.64 -9.70 -2.57
CA ILE B 230 -7.45 -9.90 -3.40
C ILE B 230 -6.57 -10.71 -2.46
N GLN B 231 -6.03 -11.83 -2.94
CA GLN B 231 -5.20 -12.62 -2.06
C GLN B 231 -3.71 -12.39 -2.26
N LEU B 232 -3.01 -12.18 -1.16
CA LEU B 232 -1.57 -11.93 -1.20
C LEU B 232 -0.83 -12.91 -0.32
N GLN B 233 0.50 -12.84 -0.33
CA GLN B 233 1.33 -13.74 0.48
C GLN B 233 2.25 -12.98 1.39
N ARG B 234 2.77 -13.68 2.40
CA ARG B 234 3.69 -13.10 3.35
C ARG B 234 5.09 -13.53 2.97
N ARG B 235 6.07 -13.08 3.72
CA ARG B 235 7.45 -13.47 3.44
C ARG B 235 7.61 -14.98 3.62
N ASN B 236 6.96 -15.55 4.64
CA ASN B 236 7.08 -16.99 4.88
C ASN B 236 6.24 -17.85 3.91
N GLY B 237 5.44 -17.21 3.06
CA GLY B 237 4.64 -17.96 2.11
C GLY B 237 3.17 -18.10 2.44
N SER B 238 2.80 -17.97 3.71
CA SER B 238 1.40 -18.09 4.12
C SER B 238 0.56 -16.98 3.46
N LYS B 239 -0.64 -17.34 3.01
CA LYS B 239 -1.51 -16.36 2.35
C LYS B 239 -2.44 -15.65 3.32
N PHE B 240 -2.97 -14.52 2.85
CA PHE B 240 -3.92 -13.70 3.60
C PHE B 240 -4.72 -12.88 2.57
N SER B 241 -5.97 -12.59 2.90
CA SER B 241 -6.84 -11.86 1.99
C SER B 241 -7.04 -10.42 2.40
N VAL B 242 -7.03 -9.54 1.41
CA VAL B 242 -7.23 -8.12 1.63
C VAL B 242 -8.61 -7.72 1.12
N TYR B 243 -9.39 -7.08 1.99
CA TYR B 243 -10.76 -6.65 1.66
C TYR B 243 -10.87 -5.16 1.56
N ASP B 244 -9.92 -4.44 2.17
CA ASP B 244 -9.96 -2.99 2.16
C ASP B 244 -8.72 -2.34 1.56
N VAL B 245 -8.88 -1.08 1.14
CA VAL B 245 -7.79 -0.32 0.53
C VAL B 245 -6.73 0.18 1.52
N SER B 246 -7.19 0.60 2.70
CA SER B 246 -6.32 1.12 3.76
C SER B 246 -5.03 0.35 4.06
N ILE B 247 -5.10 -0.97 4.05
CA ILE B 247 -3.91 -1.77 4.35
C ILE B 247 -2.88 -1.73 3.22
N LEU B 248 -3.29 -1.25 2.05
CA LEU B 248 -2.42 -1.17 0.88
C LEU B 248 -1.82 0.21 0.66
N ILE B 249 -2.37 1.23 1.29
CA ILE B 249 -1.87 2.57 1.11
C ILE B 249 -0.36 2.72 1.31
N PRO B 250 0.23 2.02 2.30
CA PRO B 250 1.68 2.20 2.44
C PRO B 250 2.50 1.20 1.64
N ILE B 251 1.83 0.40 0.80
CA ILE B 251 2.48 -0.62 -0.02
C ILE B 251 2.52 -0.36 -1.52
N ILE B 252 1.46 0.20 -2.08
CA ILE B 252 1.43 0.51 -3.51
C ILE B 252 1.83 1.98 -3.70
N ALA B 253 2.59 2.25 -4.74
CA ALA B 253 3.03 3.61 -5.00
C ALA B 253 2.44 4.17 -6.28
N LEU B 254 2.06 3.27 -7.19
CA LEU B 254 1.49 3.66 -8.48
C LEU B 254 0.39 2.70 -8.92
N MET B 255 -0.60 3.21 -9.64
CA MET B 255 -1.68 2.38 -10.13
C MET B 255 -1.89 2.60 -11.63
N VAL B 256 -2.10 1.53 -12.37
CA VAL B 256 -2.36 1.65 -13.80
C VAL B 256 -3.82 2.11 -13.92
N TYR B 257 -4.06 3.16 -14.68
CA TYR B 257 -5.41 3.70 -14.86
C TYR B 257 -6.39 2.65 -15.38
N ARG B 258 -7.53 2.50 -14.71
CA ARG B 258 -8.54 1.52 -15.10
C ARG B 258 -9.86 2.11 -15.56
N CYS B 259 -10.34 3.12 -14.85
CA CYS B 259 -11.60 3.75 -15.18
C CYS B 259 -11.63 5.16 -14.59
N ALA B 260 -12.48 6.03 -15.16
CA ALA B 260 -12.59 7.41 -14.70
C ALA B 260 -13.38 7.55 -13.41
N PRO B 261 -13.05 8.57 -12.61
CA PRO B 261 -13.72 8.83 -11.32
C PRO B 261 -15.13 9.33 -11.61
N PRO B 262 -16.10 9.05 -10.70
CA PRO B 262 -17.46 9.52 -10.95
C PRO B 262 -17.59 11.05 -10.76
N ALA C 1 -11.71 2.37 -19.64
CA ALA C 1 -13.02 1.84 -20.13
C ALA C 1 -14.16 2.33 -19.23
N ASP C 2 -14.98 3.23 -19.77
CA ASP C 2 -16.12 3.77 -19.04
C ASP C 2 -15.65 4.59 -17.83
N VAL C 3 -16.60 4.83 -16.93
CA VAL C 3 -16.34 5.55 -15.70
C VAL C 3 -16.36 4.42 -14.67
N CYS C 4 -15.65 4.60 -13.55
CA CYS C 4 -15.61 3.57 -12.52
C CYS C 4 -16.99 3.24 -11.97
N MET C 5 -17.27 1.95 -11.88
CA MET C 5 -18.53 1.45 -11.34
C MET C 5 -18.29 0.91 -9.94
N ASP C 6 -18.66 1.66 -8.91
CA ASP C 6 -18.45 1.16 -7.56
C ASP C 6 -19.51 0.09 -7.26
N PRO C 7 -19.07 -1.05 -6.70
CA PRO C 7 -20.02 -2.12 -6.39
C PRO C 7 -20.64 -1.96 -4.99
N GLU C 8 -21.42 -2.95 -4.58
CA GLU C 8 -22.06 -2.93 -3.27
C GLU C 8 -21.64 -4.20 -2.52
N PRO C 9 -20.47 -4.17 -1.87
CA PRO C 9 -19.92 -5.31 -1.11
C PRO C 9 -20.59 -5.63 0.23
N ILE C 10 -20.67 -6.92 0.53
CA ILE C 10 -21.23 -7.40 1.79
C ILE C 10 -20.01 -7.71 2.63
N VAL C 11 -19.85 -7.00 3.74
CA VAL C 11 -18.67 -7.20 4.57
C VAL C 11 -19.00 -6.98 6.06
N ARG C 12 -18.09 -7.39 6.93
CA ARG C 12 -18.31 -7.18 8.36
C ARG C 12 -17.69 -5.83 8.64
N ILE C 13 -18.03 -5.24 9.78
CA ILE C 13 -17.43 -3.97 10.13
C ILE C 13 -16.76 -4.15 11.49
N VAL C 14 -15.43 -4.35 11.46
CA VAL C 14 -14.64 -4.53 12.68
C VAL C 14 -14.22 -3.17 13.24
N GLY C 15 -14.32 -3.02 14.55
CA GLY C 15 -13.97 -1.74 15.17
C GLY C 15 -13.19 -1.88 16.45
N ARG C 16 -13.45 -1.00 17.41
CA ARG C 16 -12.76 -1.01 18.71
C ARG C 16 -12.45 -2.39 19.26
N ASN C 17 -11.20 -2.61 19.66
CA ASN C 17 -10.70 -3.87 20.21
C ASN C 17 -10.90 -5.09 19.32
N GLY C 18 -11.12 -4.87 18.02
CA GLY C 18 -11.30 -6.00 17.13
C GLY C 18 -12.69 -6.61 17.16
N LEU C 19 -13.64 -5.94 17.80
CA LEU C 19 -15.03 -6.41 17.88
C LEU C 19 -15.81 -6.05 16.61
N CYS C 20 -16.92 -6.72 16.37
CA CYS C 20 -17.73 -6.46 15.17
C CYS C 20 -19.01 -5.68 15.39
N VAL C 21 -19.47 -4.98 14.34
CA VAL C 21 -20.71 -4.22 14.42
C VAL C 21 -21.79 -5.28 14.28
N ASP C 22 -22.49 -5.49 15.39
CA ASP C 22 -23.51 -6.51 15.57
C ASP C 22 -24.93 -5.95 15.83
N VAL C 23 -25.96 -6.58 15.26
CA VAL C 23 -27.34 -6.13 15.51
C VAL C 23 -27.83 -7.00 16.67
N ARG C 24 -28.00 -6.38 17.84
CA ARG C 24 -28.40 -7.08 19.06
C ARG C 24 -29.44 -8.18 18.99
N ASP C 25 -29.08 -9.32 19.58
CA ASP C 25 -29.92 -10.54 19.65
C ASP C 25 -30.52 -11.02 18.33
N GLY C 26 -29.91 -10.67 17.21
CA GLY C 26 -30.42 -11.11 15.92
C GLY C 26 -31.80 -10.62 15.52
N ARG C 27 -32.37 -9.67 16.25
CA ARG C 27 -33.71 -9.18 15.92
C ARG C 27 -33.68 -7.89 15.09
N PHE C 28 -34.68 -7.72 14.23
CA PHE C 28 -34.71 -6.55 13.36
C PHE C 28 -35.88 -5.59 13.47
N HIS C 29 -36.48 -5.51 14.65
CA HIS C 29 -37.59 -4.59 14.83
C HIS C 29 -37.01 -3.17 14.85
N ASN C 30 -37.73 -2.22 14.24
CA ASN C 30 -37.27 -0.84 14.18
C ASN C 30 -36.91 -0.26 15.55
N GLY C 31 -35.62 -0.05 15.77
CA GLY C 31 -35.18 0.52 17.02
C GLY C 31 -34.19 -0.34 17.78
N ASN C 32 -34.20 -1.64 17.53
CA ASN C 32 -33.27 -2.54 18.22
C ASN C 32 -31.87 -1.95 18.04
N ALA C 33 -31.10 -1.91 19.12
CA ALA C 33 -29.77 -1.31 19.09
C ALA C 33 -28.71 -2.05 18.28
N ILE C 34 -27.64 -1.32 17.98
CA ILE C 34 -26.49 -1.84 17.26
C ILE C 34 -25.41 -1.89 18.35
N GLN C 35 -24.63 -2.97 18.40
CA GLN C 35 -23.64 -3.09 19.46
C GLN C 35 -22.31 -3.72 19.03
N LEU C 36 -21.32 -3.63 19.90
CA LEU C 36 -20.02 -4.24 19.63
C LEU C 36 -20.19 -5.68 20.09
N TRP C 37 -19.66 -6.62 19.33
CA TRP C 37 -19.82 -8.00 19.70
C TRP C 37 -18.78 -8.87 19.03
N PRO C 38 -18.23 -9.85 19.76
CA PRO C 38 -17.22 -10.76 19.21
C PRO C 38 -17.64 -11.20 17.81
N CYS C 39 -16.71 -11.14 16.87
CA CYS C 39 -17.00 -11.51 15.49
C CYS C 39 -17.30 -12.98 15.30
N LYS C 40 -18.27 -13.25 14.44
CA LYS C 40 -18.69 -14.61 14.17
C LYS C 40 -18.15 -15.21 12.89
N SER C 41 -17.94 -16.51 12.93
CA SER C 41 -17.44 -17.26 11.77
C SER C 41 -18.66 -18.00 11.21
N ASN C 42 -19.47 -17.32 10.42
CA ASN C 42 -20.66 -17.91 9.83
C ASN C 42 -21.39 -16.91 8.94
N THR C 43 -22.68 -17.11 8.75
CA THR C 43 -23.45 -16.23 7.87
C THR C 43 -24.58 -15.44 8.56
N ASP C 44 -24.57 -15.38 9.89
CA ASP C 44 -25.63 -14.66 10.59
C ASP C 44 -25.69 -13.21 10.09
N ALA C 45 -26.72 -12.92 9.30
CA ALA C 45 -26.92 -11.59 8.70
C ALA C 45 -26.91 -10.44 9.68
N ASN C 46 -26.90 -10.72 10.97
CA ASN C 46 -26.90 -9.65 11.96
C ASN C 46 -25.49 -9.10 12.18
N GLN C 47 -24.53 -9.63 11.44
CA GLN C 47 -23.15 -9.17 11.58
C GLN C 47 -22.49 -8.83 10.24
N LEU C 48 -23.24 -9.02 9.16
CA LEU C 48 -22.78 -8.73 7.79
C LEU C 48 -23.50 -7.50 7.28
N TRP C 49 -22.75 -6.56 6.71
CA TRP C 49 -23.39 -5.34 6.22
C TRP C 49 -23.16 -5.09 4.74
N THR C 50 -24.22 -4.69 4.04
CA THR C 50 -24.12 -4.38 2.61
C THR C 50 -23.96 -2.87 2.48
N LEU C 51 -22.83 -2.45 1.94
CA LEU C 51 -22.53 -1.05 1.71
C LEU C 51 -23.19 -0.64 0.39
N LYS C 52 -24.40 -0.08 0.48
CA LYS C 52 -25.17 0.33 -0.70
C LYS C 52 -24.61 1.52 -1.46
N ARG C 53 -25.03 1.65 -2.72
CA ARG C 53 -24.57 2.75 -3.58
C ARG C 53 -25.08 4.11 -3.11
N ASP C 54 -26.26 4.12 -2.49
CA ASP C 54 -26.87 5.37 -2.01
C ASP C 54 -26.25 5.90 -0.73
N ASN C 55 -25.27 5.16 -0.19
CA ASN C 55 -24.58 5.53 1.03
C ASN C 55 -25.27 5.07 2.31
N THR C 56 -26.02 3.98 2.22
CA THR C 56 -26.68 3.44 3.41
C THR C 56 -26.01 2.10 3.71
N ILE C 57 -25.91 1.75 4.98
CA ILE C 57 -25.30 0.49 5.37
C ILE C 57 -26.43 -0.42 5.85
N ARG C 58 -26.66 -1.52 5.12
CA ARG C 58 -27.77 -2.40 5.45
C ARG C 58 -27.45 -3.81 5.88
N SER C 59 -28.12 -4.24 6.93
CA SER C 59 -27.96 -5.59 7.42
C SER C 59 -29.31 -6.27 7.28
N ASN C 60 -29.32 -7.42 6.63
CA ASN C 60 -30.54 -8.19 6.44
C ASN C 60 -31.73 -7.39 5.92
N GLY C 61 -31.46 -6.30 5.22
CA GLY C 61 -32.55 -5.51 4.65
C GLY C 61 -32.81 -4.17 5.31
N LYS C 62 -32.43 -4.02 6.56
CA LYS C 62 -32.67 -2.76 7.27
C LYS C 62 -31.46 -1.81 7.25
N CYS C 63 -31.72 -0.53 7.50
CA CYS C 63 -30.68 0.50 7.49
C CYS C 63 -30.06 0.84 8.84
N LEU C 64 -28.75 1.02 8.85
CA LEU C 64 -28.05 1.41 10.06
C LEU C 64 -28.45 2.87 10.25
N THR C 65 -29.34 3.14 11.20
CA THR C 65 -29.83 4.49 11.43
C THR C 65 -29.42 5.12 12.76
N THR C 66 -29.13 6.41 12.75
CA THR C 66 -28.78 7.12 13.98
C THR C 66 -30.07 7.66 14.61
N TYR C 67 -30.15 7.69 15.93
CA TYR C 67 -31.35 8.16 16.63
C TYR C 67 -31.61 9.65 16.45
N GLY C 68 -30.54 10.44 16.52
CA GLY C 68 -30.64 11.88 16.37
C GLY C 68 -29.30 12.47 15.98
N TYR C 69 -29.25 13.79 15.80
CA TYR C 69 -28.00 14.43 15.41
C TYR C 69 -27.38 15.14 16.60
N SER C 70 -27.33 14.42 17.72
CA SER C 70 -26.76 14.96 18.96
C SER C 70 -25.71 13.99 19.52
N PRO C 71 -24.55 14.51 19.93
CA PRO C 71 -23.49 13.68 20.48
C PRO C 71 -23.96 12.86 21.68
N GLY C 72 -24.21 11.58 21.47
CA GLY C 72 -24.65 10.75 22.57
C GLY C 72 -25.77 9.80 22.22
N VAL C 73 -26.60 10.16 21.24
CA VAL C 73 -27.70 9.30 20.83
C VAL C 73 -27.11 7.97 20.33
N TYR C 74 -27.88 6.90 20.39
CA TYR C 74 -27.35 5.61 19.94
C TYR C 74 -27.72 5.33 18.49
N VAL C 75 -27.09 4.31 17.93
CA VAL C 75 -27.34 3.90 16.55
C VAL C 75 -28.21 2.65 16.62
N MET C 76 -29.30 2.66 15.87
CA MET C 76 -30.26 1.56 15.84
C MET C 76 -30.45 0.99 14.45
N ILE C 77 -31.11 -0.17 14.37
CA ILE C 77 -31.41 -0.77 13.07
C ILE C 77 -32.79 -0.20 12.77
N TYR C 78 -33.12 0.02 11.50
CA TYR C 78 -34.43 0.60 11.20
C TYR C 78 -34.87 0.36 9.76
N ASP C 79 -36.17 0.52 9.50
CA ASP C 79 -36.70 0.37 8.15
C ASP C 79 -36.14 1.54 7.37
N CYS C 80 -35.53 1.25 6.22
CA CYS C 80 -34.92 2.28 5.39
C CYS C 80 -35.85 3.37 4.86
N ASN C 81 -37.11 3.03 4.59
CA ASN C 81 -38.08 4.00 4.08
C ASN C 81 -38.75 4.82 5.17
N THR C 82 -38.94 4.19 6.33
CA THR C 82 -39.57 4.83 7.46
C THR C 82 -38.63 5.86 8.08
N ALA C 83 -37.40 5.43 8.35
CA ALA C 83 -36.38 6.28 8.97
C ALA C 83 -36.20 7.62 8.29
N ALA C 84 -35.86 8.64 9.08
CA ALA C 84 -35.63 9.97 8.51
C ALA C 84 -34.57 9.72 7.45
N THR C 85 -34.78 10.25 6.25
CA THR C 85 -33.84 10.03 5.17
C THR C 85 -32.34 10.23 5.49
N ASP C 86 -31.88 11.47 5.68
CA ASP C 86 -30.45 11.66 5.94
C ASP C 86 -29.93 11.22 7.31
N ALA C 87 -30.62 10.27 7.92
CA ALA C 87 -30.18 9.73 9.20
C ALA C 87 -29.77 8.29 8.96
N THR C 88 -29.72 7.89 7.69
CA THR C 88 -29.31 6.55 7.28
C THR C 88 -28.08 6.65 6.38
N ARG C 89 -27.67 7.88 6.10
CA ARG C 89 -26.53 8.19 5.24
C ARG C 89 -25.18 8.24 5.97
N TRP C 90 -24.19 7.50 5.46
CA TRP C 90 -22.84 7.48 6.04
C TRP C 90 -21.76 7.38 4.95
N GLN C 91 -20.60 7.96 5.23
CA GLN C 91 -19.48 7.89 4.32
C GLN C 91 -18.38 7.18 5.08
N ILE C 92 -17.71 6.24 4.42
CA ILE C 92 -16.62 5.53 5.06
C ILE C 92 -15.32 6.09 4.51
N TRP C 93 -14.54 6.74 5.37
CA TRP C 93 -13.28 7.35 4.96
C TRP C 93 -12.09 6.42 5.00
N ASP C 94 -11.06 6.77 4.22
CA ASP C 94 -9.84 5.97 4.15
C ASP C 94 -9.11 5.89 5.48
N ASN C 95 -9.42 6.81 6.40
CA ASN C 95 -8.81 6.79 7.72
C ASN C 95 -9.72 6.13 8.75
N GLY C 96 -10.40 5.07 8.34
CA GLY C 96 -11.28 4.33 9.21
C GLY C 96 -12.39 5.07 9.94
N THR C 97 -12.74 6.28 9.51
CA THR C 97 -13.81 7.00 10.17
C THR C 97 -15.11 6.78 9.41
N ILE C 98 -16.20 6.53 10.12
CA ILE C 98 -17.51 6.38 9.49
C ILE C 98 -18.32 7.54 10.03
N ILE C 99 -18.57 8.53 9.17
CA ILE C 99 -19.28 9.72 9.55
C ILE C 99 -20.66 9.87 8.97
N ASN C 100 -21.54 10.51 9.74
CA ASN C 100 -22.91 10.76 9.32
C ASN C 100 -22.91 12.18 8.74
N PRO C 101 -22.92 12.31 7.41
CA PRO C 101 -22.92 13.64 6.80
C PRO C 101 -24.29 14.24 7.06
N ARG C 102 -24.35 15.29 7.87
CA ARG C 102 -25.63 15.92 8.22
C ARG C 102 -25.51 16.40 9.65
N SER C 103 -24.77 15.64 10.44
CA SER C 103 -24.55 15.96 11.85
C SER C 103 -23.06 16.01 12.15
N SER C 104 -22.26 15.41 11.26
CA SER C 104 -20.80 15.38 11.39
C SER C 104 -20.37 14.55 12.59
N LEU C 105 -21.32 13.78 13.11
CA LEU C 105 -21.02 12.94 14.26
C LEU C 105 -20.58 11.59 13.71
N VAL C 106 -19.48 11.08 14.24
CA VAL C 106 -18.91 9.82 13.81
C VAL C 106 -19.45 8.62 14.58
N LEU C 107 -19.56 7.48 13.92
CA LEU C 107 -20.01 6.27 14.59
C LEU C 107 -18.91 5.95 15.61
N ALA C 108 -19.30 5.70 16.86
CA ALA C 108 -18.33 5.41 17.91
C ALA C 108 -18.81 4.30 18.82
N ALA C 109 -17.92 3.85 19.69
CA ALA C 109 -18.21 2.81 20.68
C ALA C 109 -17.47 3.26 21.92
N THR C 110 -18.17 4.00 22.78
CA THR C 110 -17.59 4.56 24.00
C THR C 110 -17.33 3.57 25.14
N SER C 111 -16.94 2.36 24.77
CA SER C 111 -16.62 1.31 25.73
C SER C 111 -16.11 0.13 24.92
N GLY C 112 -15.02 -0.49 25.36
CA GLY C 112 -14.47 -1.60 24.62
C GLY C 112 -15.06 -2.94 25.02
N ASN C 113 -16.07 -2.87 25.87
CA ASN C 113 -16.76 -4.06 26.37
C ASN C 113 -17.67 -4.67 25.34
N SER C 114 -17.73 -6.00 25.35
CA SER C 114 -18.61 -6.71 24.44
C SER C 114 -20.05 -6.38 24.81
N GLY C 115 -20.85 -6.00 23.83
CA GLY C 115 -22.25 -5.68 24.09
C GLY C 115 -22.54 -4.19 24.16
N THR C 116 -21.50 -3.36 24.14
CA THR C 116 -21.68 -1.90 24.22
C THR C 116 -22.47 -1.33 23.04
N THR C 117 -23.46 -0.50 23.35
CA THR C 117 -24.28 0.09 22.29
C THR C 117 -23.56 1.18 21.50
N LEU C 118 -23.61 1.08 20.18
CA LEU C 118 -22.98 2.07 19.32
C LEU C 118 -23.69 3.41 19.46
N THR C 119 -22.95 4.49 19.27
CA THR C 119 -23.49 5.82 19.41
C THR C 119 -22.82 6.71 18.36
N VAL C 120 -23.14 8.01 18.37
CA VAL C 120 -22.53 8.98 17.45
C VAL C 120 -21.92 10.08 18.29
N GLN C 121 -20.59 10.17 18.26
CA GLN C 121 -19.86 11.17 19.05
C GLN C 121 -19.26 12.27 18.18
N THR C 122 -18.70 13.28 18.82
CA THR C 122 -18.07 14.37 18.08
C THR C 122 -16.73 13.79 17.64
N ASN C 123 -16.39 14.00 16.38
CA ASN C 123 -15.14 13.47 15.82
C ASN C 123 -13.84 13.98 16.46
N ILE C 124 -13.05 13.06 17.00
CA ILE C 124 -11.75 13.41 17.58
C ILE C 124 -10.73 12.31 17.21
N TYR C 125 -11.02 11.60 16.12
CA TYR C 125 -10.14 10.54 15.64
C TYR C 125 -9.54 9.70 16.76
N ALA C 126 -10.41 9.11 17.57
CA ALA C 126 -9.97 8.28 18.69
C ALA C 126 -10.07 6.84 18.25
N VAL C 127 -9.46 5.95 19.02
CA VAL C 127 -9.52 4.52 18.70
C VAL C 127 -10.97 4.07 18.83
N SER C 128 -11.75 4.80 19.63
CA SER C 128 -13.14 4.46 19.83
C SER C 128 -14.02 4.91 18.66
N GLN C 129 -13.42 5.37 17.59
CA GLN C 129 -14.20 5.83 16.44
C GLN C 129 -13.62 5.33 15.11
N GLY C 130 -12.63 4.44 15.20
CA GLY C 130 -12.01 3.89 14.01
C GLY C 130 -12.66 2.56 13.67
N TRP C 131 -12.97 2.37 12.39
CA TRP C 131 -13.60 1.14 11.90
C TRP C 131 -13.02 0.74 10.57
N LEU C 132 -13.30 -0.50 10.18
CA LEU C 132 -12.79 -1.03 8.93
C LEU C 132 -13.69 -2.11 8.32
N PRO C 133 -14.10 -1.93 7.05
CA PRO C 133 -14.96 -2.90 6.36
C PRO C 133 -14.06 -4.03 5.87
N THR C 134 -14.24 -5.22 6.44
CA THR C 134 -13.43 -6.36 6.06
C THR C 134 -14.03 -7.64 6.62
N ASN C 135 -13.81 -8.76 5.95
CA ASN C 135 -14.30 -10.05 6.43
C ASN C 135 -13.19 -10.61 7.26
N ASN C 136 -12.08 -9.87 7.30
CA ASN C 136 -10.91 -10.25 8.06
C ASN C 136 -11.15 -9.82 9.50
N THR C 137 -11.28 -10.81 10.38
CA THR C 137 -11.54 -10.58 11.79
C THR C 137 -10.27 -10.46 12.62
N GLN C 138 -9.13 -10.83 12.03
CA GLN C 138 -7.86 -10.78 12.74
C GLN C 138 -7.01 -9.55 12.40
N PRO C 139 -6.33 -8.99 13.41
CA PRO C 139 -5.48 -7.81 13.16
C PRO C 139 -4.26 -8.25 12.38
N PHE C 140 -3.74 -7.34 11.55
CA PHE C 140 -2.58 -7.62 10.71
C PHE C 140 -1.25 -7.53 11.48
N VAL C 141 -0.48 -8.62 11.47
CA VAL C 141 0.79 -8.64 12.20
C VAL C 141 2.02 -8.44 11.30
N THR C 142 2.79 -7.40 11.57
CA THR C 142 4.00 -7.14 10.80
C THR C 142 5.15 -6.65 11.63
N THR C 143 6.21 -6.35 10.89
CA THR C 143 7.43 -5.83 11.43
C THR C 143 7.42 -4.43 10.87
N ILE C 144 7.82 -3.45 11.66
CA ILE C 144 7.84 -2.09 11.17
C ILE C 144 9.31 -1.71 11.09
N VAL C 145 9.81 -1.52 9.87
CA VAL C 145 11.20 -1.17 9.67
C VAL C 145 11.30 0.31 9.38
N GLY C 146 12.26 0.97 10.01
CA GLY C 146 12.42 2.39 9.81
C GLY C 146 13.86 2.80 9.64
N LEU C 147 14.19 4.01 10.08
CA LEU C 147 15.54 4.57 9.98
C LEU C 147 16.67 3.57 10.12
N TYR C 148 17.61 3.65 9.17
CA TYR C 148 18.81 2.80 9.11
C TYR C 148 18.55 1.29 8.99
N GLY C 149 17.33 0.92 8.61
CA GLY C 149 16.97 -0.47 8.45
C GLY C 149 16.64 -1.16 9.76
N LEU C 150 16.59 -0.39 10.84
CA LEU C 150 16.31 -0.92 12.15
C LEU C 150 14.81 -1.12 12.35
N CYS C 151 14.45 -2.05 13.23
CA CYS C 151 13.05 -2.39 13.53
C CYS C 151 12.46 -1.66 14.72
N LEU C 152 11.14 -1.49 14.69
CA LEU C 152 10.46 -0.83 15.79
C LEU C 152 10.32 -1.95 16.81
N GLN C 153 10.70 -1.68 18.06
CA GLN C 153 10.63 -2.69 19.10
C GLN C 153 10.13 -2.14 20.43
N ALA C 154 9.39 -2.97 21.15
CA ALA C 154 8.84 -2.56 22.44
C ALA C 154 9.36 -3.39 23.60
N ASN C 155 9.64 -2.72 24.70
CA ASN C 155 10.12 -3.36 25.92
C ASN C 155 9.32 -2.81 27.12
N SER C 156 8.23 -3.51 27.43
CA SER C 156 7.33 -3.16 28.52
C SER C 156 6.54 -1.88 28.22
N GLY C 157 6.85 -0.80 28.92
CA GLY C 157 6.13 0.43 28.69
C GLY C 157 6.82 1.37 27.74
N GLN C 158 7.89 0.91 27.10
CA GLN C 158 8.63 1.77 26.18
C GLN C 158 8.80 1.21 24.78
N VAL C 159 9.01 2.11 23.84
CA VAL C 159 9.19 1.75 22.43
C VAL C 159 10.33 2.55 21.79
N TRP C 160 11.27 1.84 21.18
CA TRP C 160 12.40 2.47 20.51
C TRP C 160 12.72 1.68 19.26
N ILE C 161 13.72 2.15 18.51
CA ILE C 161 14.12 1.48 17.28
C ILE C 161 15.43 0.72 17.55
N GLU C 162 15.58 -0.48 17.00
CA GLU C 162 16.77 -1.26 17.24
C GLU C 162 16.96 -2.29 16.12
N ASP C 163 18.15 -2.89 15.99
CA ASP C 163 18.36 -3.84 14.88
C ASP C 163 17.40 -5.03 14.88
N CYS C 164 16.93 -5.36 13.68
CA CYS C 164 15.97 -6.43 13.45
C CYS C 164 16.42 -7.85 13.66
N SER C 165 16.03 -8.45 14.79
CA SER C 165 16.36 -9.85 15.02
C SER C 165 15.05 -10.55 14.68
N SER C 166 15.08 -11.35 13.62
CA SER C 166 13.90 -12.08 13.16
C SER C 166 13.41 -13.08 14.19
N GLU C 167 13.39 -12.66 15.47
CA GLU C 167 12.95 -13.52 16.58
C GLU C 167 12.95 -12.74 17.90
N LYS C 168 13.77 -11.70 17.98
CA LYS C 168 13.91 -10.86 19.19
C LYS C 168 12.64 -10.59 19.98
N ALA C 169 12.82 -9.94 21.13
CA ALA C 169 11.73 -9.56 22.07
C ALA C 169 10.52 -8.87 21.43
N GLU C 170 9.78 -9.61 20.59
CA GLU C 170 8.60 -9.08 19.93
C GLU C 170 8.82 -7.70 19.27
N GLN C 171 9.16 -7.76 17.99
CA GLN C 171 9.34 -6.59 17.15
C GLN C 171 8.18 -6.72 16.19
N GLN C 172 7.34 -7.72 16.45
CA GLN C 172 6.15 -7.97 15.66
C GLN C 172 5.02 -7.15 16.26
N TRP C 173 4.28 -6.44 15.42
CA TRP C 173 3.17 -5.62 15.88
C TRP C 173 1.88 -6.03 15.19
N ALA C 174 0.76 -5.79 15.87
CA ALA C 174 -0.53 -6.13 15.30
C ALA C 174 -1.30 -4.84 15.06
N LEU C 175 -1.75 -4.64 13.83
CA LEU C 175 -2.49 -3.44 13.48
C LEU C 175 -3.98 -3.77 13.56
N TYR C 176 -4.70 -3.08 14.44
CA TYR C 176 -6.14 -3.30 14.62
C TYR C 176 -7.04 -2.48 13.72
N ALA C 177 -8.27 -2.93 13.57
CA ALA C 177 -9.24 -2.25 12.74
C ALA C 177 -9.50 -0.85 13.29
N ASP C 178 -9.39 -0.71 14.61
CA ASP C 178 -9.63 0.58 15.25
C ASP C 178 -8.48 1.57 15.11
N GLY C 179 -7.48 1.20 14.34
CA GLY C 179 -6.37 2.10 14.11
C GLY C 179 -5.33 2.14 15.21
N SER C 180 -5.40 1.20 16.15
CA SER C 180 -4.41 1.17 17.22
C SER C 180 -3.30 0.21 16.78
N ILE C 181 -2.07 0.46 17.23
CA ILE C 181 -0.94 -0.41 16.89
C ILE C 181 -0.58 -1.12 18.19
N ARG C 182 -0.76 -2.43 18.22
CA ARG C 182 -0.53 -3.18 19.44
C ARG C 182 0.59 -4.18 19.40
N PRO C 183 1.40 -4.20 20.49
CA PRO C 183 2.55 -5.11 20.60
C PRO C 183 2.06 -6.56 20.63
N GLN C 184 2.46 -7.32 19.61
CA GLN C 184 2.07 -8.72 19.43
C GLN C 184 1.88 -9.57 20.68
N GLN C 185 2.85 -9.53 21.58
CA GLN C 185 2.78 -10.35 22.79
C GLN C 185 1.81 -9.86 23.88
N ASN C 186 1.44 -8.59 23.84
CA ASN C 186 0.51 -8.04 24.82
C ASN C 186 -0.53 -7.17 24.11
N ARG C 187 -1.52 -7.83 23.50
CA ARG C 187 -2.54 -7.14 22.72
C ARG C 187 -3.53 -6.15 23.35
N ASP C 188 -3.45 -5.88 24.64
CA ASP C 188 -4.35 -4.88 25.19
C ASP C 188 -3.51 -3.68 25.62
N ASN C 189 -2.40 -3.53 24.91
CA ASN C 189 -1.47 -2.42 25.09
C ASN C 189 -1.40 -1.69 23.75
N CYS C 190 -1.49 -0.37 23.80
CA CYS C 190 -1.50 0.45 22.59
C CYS C 190 -0.28 1.34 22.44
N LEU C 191 0.13 1.58 21.19
CA LEU C 191 1.25 2.48 20.95
C LEU C 191 0.58 3.82 21.28
N THR C 192 0.92 4.38 22.45
CA THR C 192 0.30 5.61 22.92
C THR C 192 1.16 6.86 22.95
N SER C 193 0.50 8.00 22.82
CA SER C 193 1.14 9.30 22.84
C SER C 193 0.37 10.23 23.78
N ASP C 194 0.91 10.46 24.98
CA ASP C 194 0.30 11.31 26.02
C ASP C 194 -0.32 12.64 25.58
N SER C 195 0.51 13.52 25.05
CA SER C 195 0.02 14.82 24.60
C SER C 195 0.14 14.91 23.10
N ASN C 196 -0.41 15.98 22.53
CA ASN C 196 -0.35 16.20 21.10
C ASN C 196 0.69 17.32 20.90
N ILE C 197 1.66 17.35 21.81
CA ILE C 197 2.73 18.34 21.79
C ILE C 197 3.92 17.97 20.91
N ARG C 198 4.48 18.99 20.27
CA ARG C 198 5.60 18.89 19.35
C ARG C 198 6.84 18.08 19.75
N GLU C 199 6.74 17.18 20.73
CA GLU C 199 7.92 16.38 21.10
C GLU C 199 7.70 15.34 22.18
N THR C 200 6.45 15.06 22.51
CA THR C 200 6.14 14.08 23.53
C THR C 200 6.68 12.70 23.12
N VAL C 201 7.21 11.95 24.07
CA VAL C 201 7.76 10.63 23.75
C VAL C 201 6.67 9.55 23.72
N VAL C 202 6.57 8.88 22.58
CA VAL C 202 5.61 7.81 22.38
C VAL C 202 5.94 6.64 23.31
N LYS C 203 4.93 6.09 23.98
CA LYS C 203 5.16 4.96 24.88
C LYS C 203 4.11 3.87 24.72
N ILE C 204 4.19 2.83 25.55
CA ILE C 204 3.22 1.74 25.49
C ILE C 204 2.37 1.70 26.77
N LEU C 205 1.12 2.13 26.67
CA LEU C 205 0.22 2.13 27.80
C LEU C 205 -0.96 1.21 27.45
N SER C 206 -1.95 1.07 28.31
CA SER C 206 -3.05 0.18 27.97
C SER C 206 -4.03 0.83 27.02
N CYS C 207 -4.59 0.02 26.13
CA CYS C 207 -5.55 0.51 25.16
C CYS C 207 -6.85 0.93 25.83
N GLY C 208 -6.93 0.71 27.14
CA GLY C 208 -8.13 1.06 27.89
C GLY C 208 -8.88 2.29 27.44
N PRO C 209 -8.28 3.48 27.54
CA PRO C 209 -8.97 4.71 27.13
C PRO C 209 -9.31 4.83 25.63
N ALA C 210 -8.62 4.05 24.79
CA ALA C 210 -8.86 4.08 23.34
C ALA C 210 -8.85 5.53 22.88
N SER C 211 -7.98 6.34 23.48
CA SER C 211 -7.88 7.77 23.16
C SER C 211 -7.50 8.09 21.72
N SER C 212 -7.43 9.38 21.42
CA SER C 212 -7.08 9.85 20.09
C SER C 212 -5.56 9.95 19.93
N GLY C 213 -4.84 9.41 20.91
CA GLY C 213 -3.39 9.42 20.88
C GLY C 213 -2.90 7.99 20.79
N GLN C 214 -3.82 7.08 20.47
CA GLN C 214 -3.53 5.66 20.33
C GLN C 214 -3.95 5.15 18.96
N ARG C 215 -4.44 6.08 18.14
CA ARG C 215 -4.89 5.78 16.79
C ARG C 215 -3.96 6.43 15.78
N TRP C 216 -3.39 5.60 14.91
CA TRP C 216 -2.46 6.05 13.88
C TRP C 216 -2.89 5.53 12.51
N MET C 217 -2.25 6.04 11.46
CA MET C 217 -2.54 5.63 10.08
C MET C 217 -1.26 5.61 9.24
N PHE C 218 -1.10 4.60 8.39
CA PHE C 218 0.08 4.52 7.51
C PHE C 218 -0.20 5.28 6.22
N LYS C 219 0.52 6.39 6.01
CA LYS C 219 0.33 7.20 4.83
C LYS C 219 1.02 6.61 3.61
N ASN C 220 0.69 7.14 2.44
CA ASN C 220 1.31 6.65 1.23
C ASN C 220 2.76 7.08 1.17
N ASP C 221 3.10 8.14 1.88
CA ASP C 221 4.46 8.63 1.86
C ASP C 221 5.38 7.93 2.86
N GLY C 222 4.92 6.80 3.38
CA GLY C 222 5.72 6.03 4.32
C GLY C 222 5.83 6.54 5.75
N THR C 223 5.01 7.52 6.13
CA THR C 223 5.04 8.02 7.50
C THR C 223 3.91 7.33 8.25
N ILE C 224 3.88 7.51 9.56
CA ILE C 224 2.83 6.93 10.40
C ILE C 224 2.21 8.15 11.09
N LEU C 225 1.04 8.56 10.60
CA LEU C 225 0.34 9.74 11.10
C LEU C 225 -0.62 9.54 12.28
N ASN C 226 -0.58 10.48 13.22
CA ASN C 226 -1.48 10.45 14.36
C ASN C 226 -2.65 11.32 13.94
N LEU C 227 -3.67 10.70 13.45
CA LEU C 227 -4.83 11.40 12.95
C LEU C 227 -5.29 12.62 13.74
N TYR C 228 -5.44 12.54 14.97
CA TYR C 228 -5.89 13.69 15.74
C TYR C 228 -4.98 14.92 15.76
N SER C 229 -3.69 14.72 16.03
CA SER C 229 -2.76 15.84 16.13
C SER C 229 -2.09 16.28 14.83
N GLY C 230 -2.00 15.38 13.86
CA GLY C 230 -1.37 15.72 12.61
C GLY C 230 0.13 15.50 12.65
N LEU C 231 0.64 15.02 13.79
CA LEU C 231 2.07 14.76 13.96
C LEU C 231 2.37 13.32 13.58
N VAL C 232 3.58 13.08 13.07
CA VAL C 232 4.01 11.76 12.64
C VAL C 232 5.10 11.14 13.51
N LEU C 233 5.21 9.81 13.52
CA LEU C 233 6.25 9.15 14.31
C LEU C 233 7.59 9.64 13.84
N ASP C 234 8.46 9.98 14.78
CA ASP C 234 9.77 10.55 14.47
C ASP C 234 10.86 10.02 15.39
N VAL C 235 11.94 9.47 14.82
CA VAL C 235 13.04 8.99 15.64
C VAL C 235 13.89 10.20 16.01
N ARG C 236 13.86 10.57 17.30
CA ARG C 236 14.55 11.74 17.83
C ARG C 236 15.96 12.05 17.33
N ALA C 237 16.07 13.14 16.58
CA ALA C 237 17.35 13.59 16.04
C ALA C 237 18.08 12.43 15.37
N SER C 238 17.45 11.80 14.37
CA SER C 238 18.03 10.66 13.65
C SER C 238 19.02 9.88 14.50
N ASP C 239 18.71 9.70 15.78
CA ASP C 239 19.60 9.01 16.69
C ASP C 239 18.97 7.78 17.34
N PRO C 240 19.14 6.60 16.72
CA PRO C 240 18.57 5.38 17.30
C PRO C 240 19.06 5.15 18.72
N SER C 241 20.26 5.66 19.01
CA SER C 241 20.86 5.47 20.32
C SER C 241 20.00 6.07 21.42
N LEU C 242 19.51 7.29 21.21
CA LEU C 242 18.68 7.97 22.21
C LEU C 242 17.50 7.11 22.71
N LYS C 243 17.12 6.10 21.94
CA LYS C 243 16.01 5.23 22.30
C LYS C 243 14.75 6.01 22.61
N GLN C 244 14.36 6.91 21.71
CA GLN C 244 13.15 7.70 21.90
C GLN C 244 12.42 8.04 20.62
N ILE C 245 11.18 7.57 20.51
CA ILE C 245 10.34 7.86 19.35
C ILE C 245 9.40 8.95 19.82
N ILE C 246 9.43 10.08 19.12
CA ILE C 246 8.60 11.22 19.48
C ILE C 246 7.58 11.54 18.41
N LEU C 247 6.66 12.43 18.74
CA LEU C 247 5.63 12.91 17.84
C LEU C 247 6.27 14.21 17.33
N TYR C 248 6.31 14.41 16.02
CA TYR C 248 6.94 15.60 15.49
C TYR C 248 6.27 16.00 14.18
N PRO C 249 6.27 17.30 13.85
CA PRO C 249 5.63 17.69 12.59
C PRO C 249 6.37 17.09 11.40
N LEU C 250 5.66 16.91 10.29
CA LEU C 250 6.22 16.31 9.08
C LEU C 250 7.26 17.14 8.30
N HIS C 251 8.37 16.50 7.95
CA HIS C 251 9.42 17.13 7.15
C HIS C 251 9.94 16.13 6.11
N GLY C 252 9.52 14.88 6.26
CA GLY C 252 9.90 13.85 5.31
C GLY C 252 11.26 13.17 5.29
N ASP C 253 12.18 13.53 6.19
CA ASP C 253 13.50 12.89 6.19
C ASP C 253 13.40 11.39 6.51
N PRO C 254 14.53 10.67 6.41
CA PRO C 254 14.54 9.23 6.70
C PRO C 254 14.11 8.83 8.11
N ASN C 255 14.13 9.76 9.06
CA ASN C 255 13.75 9.44 10.43
C ASN C 255 12.24 9.53 10.68
N GLN C 256 11.45 9.68 9.62
CA GLN C 256 10.00 9.76 9.76
C GLN C 256 9.33 8.78 8.80
N ILE C 257 10.14 8.02 8.07
CA ILE C 257 9.66 7.05 7.08
C ILE C 257 9.72 5.61 7.62
N TRP C 258 8.61 4.90 7.50
CA TRP C 258 8.52 3.52 7.96
C TRP C 258 7.90 2.65 6.88
N LEU C 259 8.21 1.36 6.93
CA LEU C 259 7.65 0.44 5.97
C LEU C 259 7.20 -0.82 6.68
N PRO C 260 5.93 -1.22 6.45
CA PRO C 260 5.43 -2.43 7.10
C PRO C 260 5.93 -3.67 6.34
N LEU C 261 6.78 -4.46 6.98
CA LEU C 261 7.35 -5.66 6.38
C LEU C 261 6.59 -6.89 6.87
N PHE C 262 5.79 -7.49 6.00
CA PHE C 262 5.02 -8.68 6.38
C PHE C 262 5.51 -9.92 5.65
#